data_3RWP
#
_entry.id   3RWP
#
_cell.length_a   122.982
_cell.length_b   122.982
_cell.length_c   47.505
_cell.angle_alpha   90.00
_cell.angle_beta   90.00
_cell.angle_gamma   120.00
#
_symmetry.space_group_name_H-M   'P 32 2 1'
#
loop_
_entity.id
_entity.type
_entity.pdbx_description
1 polymer '3-phosphoinositide-dependent protein kinase 1'
2 non-polymer GLYCEROL
3 non-polymer 'SULFATE ION'
4 non-polymer [4-amino-7-(propan-2-yl)-7H-pyrrolo[2,3-d]pyrimidin-5-yl](6-{[(3S,4R)-4-(4-fluorophenyl)tetrahydrofuran-3-yl]amino}pyrazin-2-yl)methanone
5 water water
#
_entity_poly.entity_id   1
_entity_poly.type   'polypeptide(L)'
_entity_poly.pdbx_seq_one_letter_code
;ALMDGTAAEPRPGAGSLQHAQPPPQPRKKRPEDFKFGKILGEGSFSTVVLARELATSREYAIKILEKRHIIKENKVPYVT
RERDVMSRLDHPFFVKLYFTFQDDEKLYFGLSYAKNGELLKYIRKIGSFDETCTRFYTAEIVSALEYLHGKGIIHRDLKP
ENILLNEDMHIQITDFGTAKVLSPESKQARAN(SEP)FVGTAQYVSPELLTEKSACKSSDLWALGCIIYQLVAGLPPFRA
GNEYLIFQKIIKLEYDFPEKFFPKARDLVEKLLVLDATKRLGCEEMEGYGPLKAHPFFESVTWENLHQQTPPKLT
;
_entity_poly.pdbx_strand_id   A
#
loop_
_chem_comp.id
_chem_comp.type
_chem_comp.name
_chem_comp.formula
ABQ non-polymer [4-amino-7-(propan-2-yl)-7H-pyrrolo[2,3-d]pyrimidin-5-yl](6-{[(3S,4R)-4-(4-fluorophenyl)tetrahydrofuran-3-yl]amino}pyrazin-2-yl)methanone 'C24 H24 F N7 O2'
GOL non-polymer GLYCEROL 'C3 H8 O3'
SO4 non-polymer 'SULFATE ION' 'O4 S -2'
#
# COMPACT_ATOMS: atom_id res chain seq x y z
N GLN A 25 27.90 13.46 -1.46
CA GLN A 25 27.13 12.33 -2.11
C GLN A 25 28.03 11.17 -2.58
N PRO A 26 27.65 9.90 -2.26
CA PRO A 26 28.38 8.76 -2.91
C PRO A 26 28.33 8.97 -4.44
N ARG A 27 29.28 8.45 -5.24
CA ARG A 27 29.18 8.66 -6.74
C ARG A 27 27.89 7.98 -7.31
N LYS A 28 27.40 8.41 -8.47
CA LYS A 28 26.18 7.79 -9.04
C LYS A 28 26.43 6.33 -9.33
N LYS A 29 25.48 5.45 -8.99
CA LYS A 29 25.67 4.04 -9.30
C LYS A 29 25.37 3.83 -10.79
N ARG A 30 25.72 2.68 -11.34
CA ARG A 30 25.45 2.40 -12.76
C ARG A 30 25.20 0.92 -12.88
N PRO A 31 24.63 0.41 -14.03
CA PRO A 31 24.24 -1.03 -14.04
C PRO A 31 25.41 -2.00 -13.76
N GLU A 32 26.64 -1.63 -14.15
CA GLU A 32 27.86 -2.52 -13.99
C GLU A 32 28.27 -2.63 -12.51
N ASP A 33 27.70 -1.81 -11.64
CA ASP A 33 27.91 -1.95 -10.18
C ASP A 33 27.16 -3.11 -9.55
N PHE A 34 26.29 -3.78 -10.33
CA PHE A 34 25.37 -4.83 -9.84
C PHE A 34 25.47 -6.11 -10.61
N LYS A 35 25.26 -7.20 -9.92
CA LYS A 35 24.95 -8.45 -10.57
C LYS A 35 23.44 -8.58 -10.47
N PHE A 36 22.77 -8.47 -11.63
CA PHE A 36 21.32 -8.60 -11.64
C PHE A 36 20.95 -10.04 -11.52
N GLY A 37 19.84 -10.33 -10.82
CA GLY A 37 19.38 -11.69 -10.60
C GLY A 37 17.93 -11.87 -11.14
N LYS A 38 17.09 -12.60 -10.40
CA LYS A 38 15.74 -12.94 -10.81
C LYS A 38 14.83 -11.71 -10.91
N ILE A 39 13.82 -11.81 -11.79
CA ILE A 39 12.83 -10.80 -11.83
C ILE A 39 11.90 -11.10 -10.65
N LEU A 40 11.60 -10.05 -9.88
CA LEU A 40 10.70 -10.18 -8.77
C LEU A 40 9.24 -9.97 -9.20
N GLY A 41 9.03 -9.07 -10.14
CA GLY A 41 7.70 -9.05 -10.79
C GLY A 41 7.79 -8.08 -11.96
N GLU A 42 6.67 -8.01 -12.69
CA GLU A 42 6.55 -7.28 -13.93
C GLU A 42 5.31 -6.44 -13.87
N GLY A 43 5.40 -5.16 -14.16
CA GLY A 43 4.11 -4.42 -14.31
C GLY A 43 4.03 -3.81 -15.70
N SER A 44 3.11 -2.84 -15.87
CA SER A 44 2.85 -2.29 -17.21
C SER A 44 3.99 -1.47 -17.63
N PHE A 45 4.54 -0.66 -16.74
CA PHE A 45 5.58 0.23 -17.18
C PHE A 45 6.94 -0.01 -16.55
N SER A 46 7.06 -1.07 -15.76
CA SER A 46 8.33 -1.24 -15.05
C SER A 46 8.48 -2.72 -14.76
N THR A 47 9.69 -3.11 -14.35
CA THR A 47 9.98 -4.45 -13.96
C THR A 47 10.85 -4.34 -12.77
N VAL A 48 10.56 -5.14 -11.76
CA VAL A 48 11.39 -5.14 -10.56
C VAL A 48 12.34 -6.39 -10.51
N VAL A 49 13.65 -6.14 -10.41
CA VAL A 49 14.61 -7.24 -10.55
C VAL A 49 15.47 -7.26 -9.30
N LEU A 50 15.71 -8.43 -8.72
CA LEU A 50 16.69 -8.55 -7.61
C LEU A 50 18.14 -8.29 -8.07
N ALA A 51 18.93 -7.47 -7.34
CA ALA A 51 20.31 -7.17 -7.78
C ALA A 51 21.21 -7.15 -6.60
N ARG A 52 22.44 -7.62 -6.81
CA ARG A 52 23.42 -7.56 -5.73
C ARG A 52 24.49 -6.55 -6.07
N GLU A 53 24.72 -5.59 -5.18
CA GLU A 53 25.71 -4.55 -5.48
C GLU A 53 27.09 -5.25 -5.28
N LEU A 54 27.99 -5.16 -6.26
CA LEU A 54 29.27 -5.93 -6.19
C LEU A 54 30.21 -5.42 -5.08
N ALA A 55 30.34 -4.11 -4.96
CA ALA A 55 31.16 -3.51 -3.90
C ALA A 55 30.72 -3.79 -2.44
N THR A 56 29.49 -4.27 -2.20
CA THR A 56 28.99 -4.39 -0.82
C THR A 56 28.35 -5.69 -0.47
N SER A 57 27.94 -6.44 -1.51
CA SER A 57 27.13 -7.64 -1.35
C SER A 57 25.67 -7.36 -0.97
N ARG A 58 25.30 -6.09 -0.89
CA ARG A 58 23.90 -5.77 -0.47
C ARG A 58 22.92 -6.10 -1.57
N GLU A 59 21.75 -6.57 -1.22
CA GLU A 59 20.74 -6.81 -2.24
C GLU A 59 19.75 -5.68 -2.28
N TYR A 60 19.42 -5.23 -3.48
CA TYR A 60 18.35 -4.22 -3.66
C TYR A 60 17.31 -4.77 -4.63
N ALA A 61 16.07 -4.31 -4.47
CA ALA A 61 15.06 -4.49 -5.52
C ALA A 61 15.17 -3.30 -6.47
N ILE A 62 15.60 -3.50 -7.76
CA ILE A 62 15.83 -2.38 -8.61
C ILE A 62 14.63 -2.35 -9.56
N LYS A 63 13.90 -1.23 -9.55
CA LYS A 63 12.76 -1.10 -10.43
C LYS A 63 13.35 -0.46 -11.67
N ILE A 64 13.05 -1.08 -12.82
CA ILE A 64 13.64 -0.63 -14.10
C ILE A 64 12.49 -0.21 -15.05
N LEU A 65 12.59 0.99 -15.60
CA LEU A 65 11.47 1.59 -16.38
C LEU A 65 12.04 2.01 -17.72
N GLU A 66 11.44 1.62 -18.83
CA GLU A 66 12.06 2.03 -20.10
C GLU A 66 11.62 3.48 -20.51
N LYS A 67 12.53 4.35 -20.86
CA LYS A 67 12.16 5.76 -21.01
C LYS A 67 11.23 5.97 -22.20
N ARG A 68 11.54 5.30 -23.32
CA ARG A 68 10.65 5.42 -24.51
C ARG A 68 9.19 5.04 -24.22
N HIS A 69 8.93 3.90 -23.58
CA HIS A 69 7.59 3.53 -23.24
C HIS A 69 6.94 4.55 -22.31
N ILE A 70 7.66 5.03 -21.30
CA ILE A 70 7.03 6.05 -20.38
C ILE A 70 6.62 7.33 -21.19
N ILE A 71 7.47 7.72 -22.10
CA ILE A 71 7.27 8.97 -22.86
C ILE A 71 6.09 8.76 -23.81
N LYS A 72 6.11 7.60 -24.47
CA LYS A 72 5.05 7.28 -25.43
C LYS A 72 3.71 7.20 -24.75
N GLU A 73 3.64 6.68 -23.53
CA GLU A 73 2.36 6.60 -22.89
C GLU A 73 2.00 7.76 -21.99
N ASN A 74 2.71 8.88 -22.09
CA ASN A 74 2.47 10.04 -21.20
C ASN A 74 2.53 9.75 -19.68
N LYS A 75 3.50 8.94 -19.28
CA LYS A 75 3.64 8.59 -17.88
C LYS A 75 4.75 9.37 -17.19
N VAL A 76 5.33 10.40 -17.82
CA VAL A 76 6.44 11.14 -17.14
C VAL A 76 6.00 11.70 -15.75
N PRO A 77 4.81 12.29 -15.64
CA PRO A 77 4.34 12.81 -14.36
C PRO A 77 4.34 11.69 -13.25
N TYR A 78 3.96 10.46 -13.61
CA TYR A 78 3.78 9.38 -12.62
C TYR A 78 5.15 8.89 -12.21
N VAL A 79 6.07 8.80 -13.17
CA VAL A 79 7.41 8.35 -12.80
C VAL A 79 8.14 9.41 -11.99
N THR A 80 7.91 10.68 -12.32
CA THR A 80 8.56 11.75 -11.59
C THR A 80 7.97 11.81 -10.16
N ARG A 81 6.67 11.65 -10.06
CA ARG A 81 6.00 11.69 -8.73
C ARG A 81 6.48 10.50 -7.83
N GLU A 82 6.64 9.33 -8.44
CA GLU A 82 7.09 8.16 -7.69
C GLU A 82 8.42 8.41 -7.01
N ARG A 83 9.37 8.91 -7.79
CA ARG A 83 10.65 9.29 -7.24
C ARG A 83 10.54 10.46 -6.20
N ASP A 84 9.80 11.51 -6.52
CA ASP A 84 9.69 12.66 -5.60
C ASP A 84 8.99 12.22 -4.27
N VAL A 85 7.97 11.35 -4.35
CA VAL A 85 7.26 10.90 -3.11
C VAL A 85 8.10 10.00 -2.34
N MET A 86 8.72 8.98 -2.99
CA MET A 86 9.56 8.12 -2.22
C MET A 86 10.74 8.82 -1.55
N SER A 87 11.33 9.82 -2.19
CA SER A 87 12.49 10.41 -1.61
C SER A 87 12.10 11.22 -0.36
N ARG A 88 10.80 11.45 -0.16
CA ARG A 88 10.37 12.23 1.01
C ARG A 88 10.08 11.38 2.24
N LEU A 89 9.99 10.08 2.07
CA LEU A 89 9.44 9.20 3.11
C LEU A 89 10.64 8.70 3.89
N ASP A 90 10.56 8.73 5.21
CA ASP A 90 11.65 8.22 6.02
C ASP A 90 10.99 7.53 7.20
N HIS A 91 10.45 6.36 7.00
CA HIS A 91 9.69 5.76 8.07
C HIS A 91 9.84 4.22 7.92
N PRO A 92 9.90 3.48 9.00
CA PRO A 92 10.08 2.06 8.74
C PRO A 92 9.00 1.29 8.00
N PHE A 93 7.75 1.81 7.83
CA PHE A 93 6.76 0.99 7.19
C PHE A 93 6.63 1.27 5.67
N PHE A 94 7.64 1.90 5.09
CA PHE A 94 7.65 2.18 3.67
C PHE A 94 8.90 1.66 3.03
N VAL A 95 8.74 1.12 1.84
CA VAL A 95 9.94 0.76 1.01
C VAL A 95 10.78 2.02 0.85
N LYS A 96 12.09 1.89 1.01
CA LYS A 96 12.97 3.06 0.89
C LYS A 96 13.55 3.18 -0.49
N LEU A 97 13.72 4.39 -0.99
CA LEU A 97 14.39 4.60 -2.25
C LEU A 97 15.85 5.01 -1.90
N TYR A 98 16.80 4.12 -2.18
CA TYR A 98 18.22 4.35 -1.79
C TYR A 98 18.97 5.18 -2.86
N PHE A 99 18.70 4.92 -4.14
CA PHE A 99 19.45 5.61 -5.20
C PHE A 99 18.62 5.52 -6.48
N THR A 100 18.99 6.36 -7.43
CA THR A 100 18.47 6.33 -8.82
C THR A 100 19.61 6.56 -9.78
N PHE A 101 19.48 6.00 -10.97
CA PHE A 101 20.41 6.28 -12.03
C PHE A 101 19.68 5.94 -13.34
N GLN A 102 20.34 6.22 -14.46
CA GLN A 102 19.69 5.90 -15.72
C GLN A 102 20.77 5.63 -16.75
N ASP A 103 20.49 4.79 -17.72
CA ASP A 103 21.38 4.76 -18.91
C ASP A 103 20.65 5.36 -20.12
N ASP A 104 21.12 5.07 -21.35
CA ASP A 104 20.41 5.59 -22.55
C ASP A 104 18.94 5.19 -22.66
N GLU A 105 18.63 3.98 -22.25
CA GLU A 105 17.29 3.54 -22.43
C GLU A 105 16.41 3.52 -21.17
N LYS A 106 16.98 3.35 -19.98
CA LYS A 106 16.17 2.88 -18.83
C LYS A 106 16.44 3.78 -17.64
N LEU A 107 15.43 3.90 -16.81
CA LEU A 107 15.62 4.49 -15.47
C LEU A 107 15.75 3.36 -14.46
N TYR A 108 16.53 3.54 -13.43
CA TYR A 108 16.72 2.49 -12.35
C TYR A 108 16.43 3.14 -10.98
N PHE A 109 15.54 2.53 -10.17
CA PHE A 109 15.35 3.05 -8.82
C PHE A 109 15.79 1.94 -7.91
N GLY A 110 16.71 2.24 -6.98
CA GLY A 110 17.26 1.22 -6.07
C GLY A 110 16.37 1.22 -4.82
N LEU A 111 15.59 0.18 -4.63
CA LEU A 111 14.68 0.07 -3.49
C LEU A 111 15.09 -0.99 -2.46
N SER A 112 14.51 -0.89 -1.24
CA SER A 112 14.66 -1.93 -0.25
C SER A 112 14.16 -3.19 -0.83
N TYR A 113 14.84 -4.28 -0.54
CA TYR A 113 14.43 -5.59 -0.97
C TYR A 113 13.56 -6.18 0.16
N ALA A 114 12.27 -6.20 -0.05
CA ALA A 114 11.33 -6.73 0.95
C ALA A 114 11.30 -8.23 0.73
N LYS A 115 12.00 -8.97 1.57
CA LYS A 115 12.32 -10.39 1.24
C LYS A 115 11.12 -11.34 1.33
N ASN A 116 10.09 -10.98 2.06
CA ASN A 116 8.94 -11.84 2.20
C ASN A 116 7.80 -11.51 1.19
N GLY A 117 7.99 -10.57 0.29
CA GLY A 117 6.97 -10.46 -0.77
C GLY A 117 5.68 -9.75 -0.34
N GLU A 118 4.60 -10.00 -1.08
CA GLU A 118 3.32 -9.26 -0.87
C GLU A 118 2.46 -9.85 0.26
N LEU A 119 1.75 -8.97 0.94
CA LEU A 119 0.79 -9.37 1.94
C LEU A 119 -0.25 -10.30 1.29
N LEU A 120 -0.57 -10.01 0.02
CA LEU A 120 -1.59 -10.73 -0.73
C LEU A 120 -1.19 -12.22 -0.70
N LYS A 121 0.09 -12.50 -0.87
CA LYS A 121 0.60 -13.89 -0.78
C LYS A 121 0.23 -14.57 0.51
N TYR A 122 0.37 -13.86 1.64
CA TYR A 122 0.05 -14.49 2.93
C TYR A 122 -1.43 -14.68 3.11
N ILE A 123 -2.21 -13.72 2.62
CA ILE A 123 -3.69 -13.88 2.71
C ILE A 123 -4.11 -15.16 1.92
N ARG A 124 -3.51 -15.38 0.77
CA ARG A 124 -3.88 -16.56 -0.02
C ARG A 124 -3.40 -17.80 0.62
N LYS A 125 -2.20 -17.73 1.21
CA LYS A 125 -1.51 -18.91 1.76
C LYS A 125 -2.23 -19.41 2.99
N ILE A 126 -2.62 -18.46 3.86
CA ILE A 126 -3.10 -18.72 5.20
C ILE A 126 -4.63 -18.80 5.14
N GLY A 127 -5.25 -18.20 4.13
CA GLY A 127 -6.70 -18.19 4.02
C GLY A 127 -7.34 -16.91 4.56
N SER A 128 -7.04 -16.62 5.82
CA SER A 128 -7.55 -15.49 6.56
C SER A 128 -6.81 -15.45 7.90
N PHE A 129 -6.75 -14.27 8.49
CA PHE A 129 -5.89 -14.02 9.64
C PHE A 129 -6.73 -14.21 10.88
N ASP A 130 -6.13 -14.70 11.95
CA ASP A 130 -6.83 -14.74 13.24
C ASP A 130 -6.82 -13.27 13.77
N GLU A 131 -7.49 -13.05 14.91
CA GLU A 131 -7.72 -11.72 15.36
C GLU A 131 -6.40 -11.06 15.78
N THR A 132 -5.48 -11.82 16.39
CA THR A 132 -4.19 -11.23 16.81
C THR A 132 -3.39 -10.70 15.59
N CYS A 133 -3.28 -11.55 14.56
CA CYS A 133 -2.59 -11.19 13.31
C CYS A 133 -3.31 -10.01 12.60
N THR A 134 -4.64 -10.09 12.48
CA THR A 134 -5.38 -8.99 11.84
C THR A 134 -5.08 -7.64 12.57
N ARG A 135 -5.16 -7.64 13.90
CA ARG A 135 -4.99 -6.43 14.65
C ARG A 135 -3.57 -5.90 14.48
N PHE A 136 -2.56 -6.78 14.52
CA PHE A 136 -1.19 -6.27 14.45
C PHE A 136 -0.89 -5.65 13.06
N TYR A 137 -1.22 -6.35 11.96
CA TYR A 137 -0.93 -5.80 10.62
C TYR A 137 -1.81 -4.59 10.30
N THR A 138 -3.04 -4.59 10.80
CA THR A 138 -3.92 -3.43 10.62
C THR A 138 -3.30 -2.25 11.32
N ALA A 139 -2.77 -2.50 12.54
CA ALA A 139 -2.17 -1.37 13.24
C ALA A 139 -0.94 -0.81 12.50
N GLU A 140 -0.13 -1.71 11.90
CA GLU A 140 1.00 -1.18 11.09
C GLU A 140 0.54 -0.35 9.93
N ILE A 141 -0.52 -0.79 9.27
CA ILE A 141 -1.02 -0.07 8.10
C ILE A 141 -1.51 1.33 8.54
N VAL A 142 -2.34 1.34 9.59
CA VAL A 142 -2.85 2.64 10.11
C VAL A 142 -1.71 3.57 10.48
N SER A 143 -0.72 3.01 11.14
CA SER A 143 0.43 3.81 11.52
C SER A 143 1.21 4.37 10.29
N ALA A 144 1.34 3.57 9.21
CA ALA A 144 1.96 4.06 7.97
C ALA A 144 1.11 5.16 7.34
N LEU A 145 -0.22 4.97 7.32
CA LEU A 145 -1.14 5.96 6.72
C LEU A 145 -1.08 7.25 7.52
N GLU A 146 -1.01 7.10 8.86
CA GLU A 146 -0.90 8.34 9.67
C GLU A 146 0.37 9.15 9.25
N TYR A 147 1.48 8.46 9.11
CA TYR A 147 2.71 9.11 8.68
C TYR A 147 2.57 9.74 7.27
N LEU A 148 2.03 8.99 6.33
CA LEU A 148 1.89 9.47 4.96
C LEU A 148 0.96 10.68 4.89
N HIS A 149 -0.23 10.51 5.45
CA HIS A 149 -1.16 11.67 5.52
C HIS A 149 -0.68 12.92 6.20
N GLY A 150 0.11 12.74 7.24
CA GLY A 150 0.82 13.84 7.92
C GLY A 150 1.76 14.59 7.00
N LYS A 151 2.17 13.98 5.89
CA LYS A 151 3.03 14.73 4.98
C LYS A 151 2.22 15.24 3.81
N GLY A 152 0.89 15.11 3.90
CA GLY A 152 -0.04 15.51 2.86
C GLY A 152 -0.01 14.67 1.59
N ILE A 153 0.27 13.38 1.72
CA ILE A 153 0.43 12.48 0.55
C ILE A 153 -0.69 11.48 0.64
N ILE A 154 -1.41 11.26 -0.45
CA ILE A 154 -2.47 10.27 -0.52
C ILE A 154 -1.88 9.18 -1.42
N HIS A 155 -2.00 7.94 -1.01
CA HIS A 155 -1.43 6.81 -1.82
C HIS A 155 -2.25 6.56 -3.10
N ARG A 156 -3.58 6.46 -2.89
CA ARG A 156 -4.62 6.33 -3.97
C ARG A 156 -4.69 4.94 -4.58
N ASP A 157 -3.79 4.04 -4.25
CA ASP A 157 -3.98 2.69 -4.79
C ASP A 157 -3.52 1.66 -3.80
N LEU A 158 -3.88 1.85 -2.54
CA LEU A 158 -3.47 0.93 -1.54
C LEU A 158 -4.16 -0.43 -1.60
N LYS A 159 -3.39 -1.51 -1.48
CA LYS A 159 -3.92 -2.88 -1.64
C LYS A 159 -2.92 -3.93 -1.16
N PRO A 160 -3.38 -5.16 -0.89
CA PRO A 160 -2.46 -6.12 -0.32
C PRO A 160 -1.31 -6.44 -1.27
N GLU A 161 -1.44 -6.17 -2.57
CA GLU A 161 -0.30 -6.47 -3.50
C GLU A 161 0.86 -5.41 -3.37
N ASN A 162 0.60 -4.21 -2.84
CA ASN A 162 1.69 -3.32 -2.64
C ASN A 162 1.98 -3.05 -1.17
N ILE A 163 1.49 -3.92 -0.28
CA ILE A 163 1.92 -3.82 1.10
C ILE A 163 2.90 -5.01 1.20
N LEU A 164 4.21 -4.72 1.25
CA LEU A 164 5.13 -5.87 1.20
C LEU A 164 5.52 -6.21 2.61
N LEU A 165 6.24 -7.33 2.79
CA LEU A 165 6.68 -7.77 4.09
C LEU A 165 8.21 -7.91 4.09
N ASN A 166 8.87 -7.35 5.07
CA ASN A 166 10.33 -7.50 5.09
C ASN A 166 10.67 -8.86 5.71
N GLU A 167 11.96 -9.09 5.84
CA GLU A 167 12.40 -10.37 6.38
C GLU A 167 12.00 -10.62 7.83
N ASP A 168 11.72 -9.52 8.55
CA ASP A 168 11.18 -9.62 9.91
C ASP A 168 9.68 -9.64 10.01
N MET A 169 9.01 -9.65 8.85
CA MET A 169 7.56 -9.67 8.78
C MET A 169 6.85 -8.36 9.26
N HIS A 170 7.55 -7.26 9.18
CA HIS A 170 6.91 -5.90 9.27
C HIS A 170 6.56 -5.45 7.86
N ILE A 171 5.55 -4.59 7.74
CA ILE A 171 5.16 -4.10 6.44
C ILE A 171 6.13 -3.10 5.88
N GLN A 172 6.13 -3.05 4.55
CA GLN A 172 6.79 -1.98 3.82
C GLN A 172 5.91 -1.67 2.62
N ILE A 173 5.35 -0.47 2.64
CA ILE A 173 4.37 -0.09 1.59
C ILE A 173 5.12 0.52 0.45
N THR A 174 4.69 0.22 -0.76
CA THR A 174 5.39 0.64 -1.96
C THR A 174 4.38 1.13 -3.03
N ASP A 175 4.88 1.39 -4.25
CA ASP A 175 4.06 1.65 -5.44
C ASP A 175 3.44 3.03 -5.35
N PHE A 176 4.31 4.05 -5.46
CA PHE A 176 3.95 5.43 -5.25
C PHE A 176 3.75 6.26 -6.51
N GLY A 177 3.91 5.68 -7.70
CA GLY A 177 3.82 6.56 -8.89
C GLY A 177 2.39 7.11 -9.04
N THR A 178 1.39 6.38 -8.50
CA THR A 178 0.02 6.91 -8.54
C THR A 178 -0.39 7.78 -7.34
N ALA A 179 0.55 8.15 -6.48
CA ALA A 179 0.19 8.95 -5.31
C ALA A 179 -0.19 10.41 -5.72
N LYS A 180 -0.94 11.07 -4.83
CA LYS A 180 -1.28 12.50 -5.02
C LYS A 180 -0.62 13.27 -3.88
N VAL A 181 0.08 14.34 -4.17
CA VAL A 181 0.69 15.19 -3.14
C VAL A 181 -0.23 16.41 -3.05
N LEU A 182 -0.80 16.66 -1.85
CA LEU A 182 -1.81 17.74 -1.68
C LEU A 182 -1.19 19.11 -1.60
N SER A 183 -1.86 20.13 -2.16
CA SER A 183 -1.25 21.49 -2.29
C SER A 183 -0.70 22.07 -0.96
N SEP A 193 -7.98 12.14 -11.75
CA SEP A 193 -7.44 11.56 -13.07
CB SEP A 193 -6.15 12.30 -13.49
OG SEP A 193 -4.98 11.63 -12.98
C SEP A 193 -7.20 10.02 -13.08
O SEP A 193 -7.37 9.33 -14.12
P SEP A 193 -4.10 12.50 -11.91
O1P SEP A 193 -2.85 11.55 -11.52
O2P SEP A 193 -3.49 13.82 -12.56
O3P SEP A 193 -4.88 13.02 -10.61
N PHE A 194 -6.77 9.48 -11.94
CA PHE A 194 -6.34 8.08 -11.90
C PHE A 194 -7.33 7.31 -11.03
N VAL A 195 -7.77 6.14 -11.50
CA VAL A 195 -8.60 5.25 -10.64
C VAL A 195 -7.84 3.93 -10.38
N GLY A 196 -7.63 3.62 -9.09
CA GLY A 196 -6.88 2.40 -8.64
C GLY A 196 -7.49 1.05 -8.96
N THR A 197 -7.00 0.03 -8.31
CA THR A 197 -7.50 -1.28 -8.49
C THR A 197 -8.99 -1.38 -8.04
N ALA A 198 -9.82 -1.98 -8.88
CA ALA A 198 -11.26 -1.79 -8.76
C ALA A 198 -11.79 -2.20 -7.37
N GLN A 199 -11.27 -3.29 -6.81
N GLN A 199 -11.30 -3.30 -6.81
CA GLN A 199 -11.76 -3.79 -5.53
CA GLN A 199 -11.87 -3.76 -5.55
C GLN A 199 -11.66 -2.75 -4.40
C GLN A 199 -11.63 -2.79 -4.36
N TYR A 200 -10.71 -1.82 -4.50
CA TYR A 200 -10.34 -0.92 -3.39
C TYR A 200 -10.68 0.52 -3.72
N VAL A 201 -11.37 0.73 -4.85
CA VAL A 201 -11.69 2.10 -5.29
C VAL A 201 -12.80 2.66 -4.36
N SER A 202 -12.65 3.92 -3.93
CA SER A 202 -13.61 4.57 -3.04
C SER A 202 -14.69 5.23 -3.89
N PRO A 203 -15.89 5.32 -3.34
CA PRO A 203 -17.07 5.78 -4.09
C PRO A 203 -16.93 7.18 -4.63
N GLU A 204 -16.20 8.08 -3.93
CA GLU A 204 -15.94 9.43 -4.43
C GLU A 204 -15.17 9.46 -5.75
N LEU A 205 -14.37 8.43 -6.02
CA LEU A 205 -13.69 8.44 -7.30
C LEU A 205 -14.68 8.13 -8.45
N LEU A 206 -15.70 7.32 -8.16
CA LEU A 206 -16.72 6.94 -9.15
C LEU A 206 -17.84 7.99 -9.27
N THR A 207 -17.98 8.85 -8.28
CA THR A 207 -19.16 9.70 -8.25
C THR A 207 -18.83 11.13 -8.45
N GLU A 208 -17.58 11.51 -8.40
CA GLU A 208 -17.22 12.90 -8.67
C GLU A 208 -15.74 13.11 -8.99
N LYS A 209 -15.07 12.03 -9.44
CA LYS A 209 -13.62 11.95 -9.66
C LYS A 209 -12.78 12.90 -8.77
N SER A 210 -12.90 12.74 -7.47
CA SER A 210 -11.96 13.45 -6.58
C SER A 210 -11.34 12.43 -5.60
N ALA A 211 -10.11 12.67 -5.18
CA ALA A 211 -9.42 11.80 -4.25
C ALA A 211 -9.02 12.68 -3.06
N CYS A 212 -9.03 12.09 -1.88
CA CYS A 212 -8.58 12.80 -0.70
C CYS A 212 -7.99 11.77 0.27
N LYS A 213 -7.52 12.23 1.42
CA LYS A 213 -6.92 11.31 2.38
C LYS A 213 -7.86 10.21 2.77
N SER A 214 -9.16 10.56 2.80
CA SER A 214 -10.10 9.59 3.28
C SER A 214 -10.33 8.42 2.23
N SER A 215 -9.97 8.64 0.95
CA SER A 215 -9.97 7.55 -0.03
C SER A 215 -9.07 6.35 0.38
N ASP A 216 -7.87 6.68 0.93
CA ASP A 216 -6.95 5.61 1.48
C ASP A 216 -7.61 4.89 2.71
N LEU A 217 -8.40 5.60 3.52
CA LEU A 217 -9.11 4.98 4.64
C LEU A 217 -10.18 4.05 4.17
N TRP A 218 -10.83 4.37 3.04
CA TRP A 218 -11.73 3.42 2.46
C TRP A 218 -11.00 2.08 2.04
N ALA A 219 -9.85 2.22 1.41
CA ALA A 219 -9.07 1.02 1.05
C ALA A 219 -8.66 0.28 2.27
N LEU A 220 -8.31 1.01 3.34
CA LEU A 220 -8.05 0.34 4.61
C LEU A 220 -9.17 -0.52 5.13
N GLY A 221 -10.39 0.01 5.12
CA GLY A 221 -11.56 -0.78 5.44
C GLY A 221 -11.67 -2.07 4.59
N CYS A 222 -11.45 -1.95 3.28
CA CYS A 222 -11.53 -3.13 2.42
C CYS A 222 -10.44 -4.15 2.80
N ILE A 223 -9.24 -3.64 3.10
CA ILE A 223 -8.12 -4.52 3.45
C ILE A 223 -8.35 -5.25 4.79
N ILE A 224 -8.84 -4.50 5.81
CA ILE A 224 -9.19 -5.14 7.04
C ILE A 224 -10.22 -6.26 6.79
N TYR A 225 -11.24 -5.94 6.00
CA TYR A 225 -12.25 -6.92 5.68
C TYR A 225 -11.58 -8.16 5.07
N GLN A 226 -10.70 -7.94 4.08
CA GLN A 226 -10.02 -9.03 3.34
C GLN A 226 -9.15 -9.86 4.31
N LEU A 227 -8.46 -9.23 5.26
CA LEU A 227 -7.69 -10.04 6.27
C LEU A 227 -8.57 -11.00 7.04
N VAL A 228 -9.72 -10.50 7.48
CA VAL A 228 -10.60 -11.26 8.36
C VAL A 228 -11.40 -12.28 7.55
N ALA A 229 -11.93 -11.87 6.41
CA ALA A 229 -12.82 -12.70 5.63
C ALA A 229 -12.04 -13.58 4.66
N GLY A 230 -10.86 -13.13 4.22
CA GLY A 230 -10.05 -13.84 3.25
C GLY A 230 -10.26 -13.36 1.85
N LEU A 231 -11.30 -12.54 1.66
CA LEU A 231 -11.65 -11.98 0.35
C LEU A 231 -12.03 -10.52 0.56
N PRO A 232 -11.78 -9.67 -0.43
CA PRO A 232 -12.22 -8.27 -0.34
C PRO A 232 -13.78 -8.11 -0.40
N PRO A 233 -14.34 -7.00 0.12
CA PRO A 233 -15.78 -6.98 0.35
C PRO A 233 -16.64 -6.82 -0.92
N PHE A 234 -16.16 -6.12 -1.95
CA PHE A 234 -16.92 -5.91 -3.18
C PHE A 234 -16.26 -6.75 -4.26
N ARG A 235 -16.93 -7.82 -4.69
CA ARG A 235 -16.37 -8.68 -5.71
C ARG A 235 -17.45 -8.93 -6.73
N ALA A 236 -17.07 -9.09 -7.98
CA ALA A 236 -18.06 -9.36 -9.04
C ALA A 236 -17.28 -9.81 -10.22
N GLY A 237 -17.97 -10.16 -11.29
CA GLY A 237 -17.26 -10.68 -12.44
C GLY A 237 -16.60 -9.71 -13.35
N ASN A 238 -16.89 -8.42 -13.22
CA ASN A 238 -16.14 -7.46 -14.02
C ASN A 238 -16.09 -6.13 -13.31
N GLU A 239 -15.37 -5.16 -13.85
CA GLU A 239 -15.17 -3.93 -13.08
C GLU A 239 -16.41 -3.11 -12.92
N TYR A 240 -17.23 -3.10 -13.96
CA TYR A 240 -18.44 -2.33 -13.94
C TYR A 240 -19.30 -2.81 -12.78
N LEU A 241 -19.43 -4.13 -12.61
CA LEU A 241 -20.26 -4.64 -11.54
C LEU A 241 -19.71 -4.36 -10.14
N ILE A 242 -18.39 -4.34 -10.03
CA ILE A 242 -17.75 -4.08 -8.73
C ILE A 242 -18.06 -2.60 -8.42
N PHE A 243 -17.89 -1.71 -9.39
CA PHE A 243 -18.17 -0.27 -9.20
C PHE A 243 -19.61 0.00 -8.78
N GLN A 244 -20.52 -0.78 -9.36
CA GLN A 244 -21.90 -0.67 -8.95
C GLN A 244 -22.13 -1.09 -7.49
N LYS A 245 -21.45 -2.14 -7.01
CA LYS A 245 -21.63 -2.51 -5.60
C LYS A 245 -21.04 -1.46 -4.63
N ILE A 246 -19.91 -0.90 -5.00
CA ILE A 246 -19.20 0.11 -4.17
C ILE A 246 -20.14 1.32 -3.97
N ILE A 247 -20.73 1.86 -5.04
CA ILE A 247 -21.55 3.06 -4.89
C ILE A 247 -22.91 2.80 -4.17
N LYS A 248 -23.31 1.53 -4.11
CA LYS A 248 -24.47 1.10 -3.37
C LYS A 248 -24.15 0.60 -1.97
N LEU A 249 -22.87 0.58 -1.62
CA LEU A 249 -22.43 -0.03 -0.36
C LEU A 249 -22.97 -1.45 -0.24
N GLU A 250 -22.88 -2.18 -1.35
CA GLU A 250 -23.39 -3.52 -1.38
C GLU A 250 -22.34 -4.60 -1.03
N TYR A 251 -22.27 -4.96 0.25
CA TYR A 251 -21.40 -6.04 0.74
C TYR A 251 -22.00 -6.52 2.03
N ASP A 252 -21.54 -7.66 2.54
CA ASP A 252 -22.08 -8.23 3.76
C ASP A 252 -20.91 -8.74 4.56
N PHE A 253 -21.10 -8.85 5.86
CA PHE A 253 -20.10 -9.54 6.70
C PHE A 253 -20.44 -11.05 6.85
N PRO A 254 -19.42 -11.91 6.82
CA PRO A 254 -19.72 -13.30 7.21
C PRO A 254 -19.99 -13.38 8.71
N GLU A 255 -20.66 -14.47 9.09
CA GLU A 255 -21.10 -14.65 10.46
C GLU A 255 -19.93 -14.62 11.43
N LYS A 256 -18.80 -15.15 10.99
CA LYS A 256 -17.63 -15.35 11.84
C LYS A 256 -16.93 -14.03 12.32
N PHE A 257 -17.18 -12.94 11.60
CA PHE A 257 -16.28 -11.78 11.55
C PHE A 257 -16.08 -11.24 12.98
N PHE A 258 -14.85 -11.04 13.41
CA PHE A 258 -14.57 -10.43 14.75
C PHE A 258 -15.42 -9.19 15.00
N PRO A 259 -16.29 -9.19 16.05
CA PRO A 259 -17.23 -8.10 16.18
C PRO A 259 -16.57 -6.69 16.24
N LYS A 260 -15.49 -6.52 16.98
CA LYS A 260 -14.85 -5.22 17.03
C LYS A 260 -14.22 -4.84 15.68
N ALA A 261 -13.70 -5.82 14.94
CA ALA A 261 -13.27 -5.53 13.58
C ALA A 261 -14.45 -5.17 12.65
N ARG A 262 -15.61 -5.84 12.79
CA ARG A 262 -16.75 -5.45 11.98
C ARG A 262 -17.17 -3.98 12.25
N ASP A 263 -17.22 -3.60 13.53
CA ASP A 263 -17.53 -2.26 13.94
C ASP A 263 -16.52 -1.27 13.29
N LEU A 264 -15.25 -1.58 13.38
CA LEU A 264 -14.27 -0.71 12.69
C LEU A 264 -14.46 -0.59 11.16
N VAL A 265 -14.65 -1.73 10.48
CA VAL A 265 -14.89 -1.71 9.03
C VAL A 265 -16.13 -0.88 8.70
N GLU A 266 -17.17 -1.05 9.52
CA GLU A 266 -18.37 -0.21 9.30
C GLU A 266 -18.15 1.27 9.43
N LYS A 267 -17.15 1.64 10.19
CA LYS A 267 -16.90 3.06 10.36
C LYS A 267 -15.85 3.55 9.35
N LEU A 268 -15.35 2.63 8.52
CA LEU A 268 -14.43 3.04 7.44
C LEU A 268 -15.12 2.96 6.05
N LEU A 269 -15.92 1.92 5.80
CA LEU A 269 -16.62 1.81 4.51
C LEU A 269 -17.92 2.63 4.66
N VAL A 270 -17.78 3.94 4.62
CA VAL A 270 -18.89 4.87 4.73
C VAL A 270 -18.87 5.65 3.44
N LEU A 271 -20.05 5.76 2.79
CA LEU A 271 -20.07 6.45 1.47
C LEU A 271 -19.60 7.89 1.53
N ASP A 272 -20.06 8.57 2.57
CA ASP A 272 -19.66 9.97 2.77
C ASP A 272 -18.19 9.99 3.30
N ALA A 273 -17.28 10.50 2.50
CA ALA A 273 -15.80 10.45 2.79
C ALA A 273 -15.47 11.32 4.03
N THR A 274 -16.32 12.31 4.35
CA THR A 274 -16.07 13.09 5.57
C THR A 274 -16.51 12.44 6.84
N LYS A 275 -17.04 11.22 6.78
CA LYS A 275 -17.48 10.57 7.99
C LYS A 275 -16.69 9.30 8.27
N ARG A 276 -15.54 9.11 7.61
CA ARG A 276 -14.74 7.89 7.89
C ARG A 276 -13.83 8.13 9.08
N LEU A 277 -13.82 7.19 10.01
CA LEU A 277 -12.90 7.24 11.13
C LEU A 277 -11.46 7.37 10.63
N GLY A 278 -10.77 8.39 11.18
CA GLY A 278 -9.42 8.73 10.70
C GLY A 278 -9.36 9.98 9.87
N CYS A 279 -10.47 10.40 9.26
CA CYS A 279 -10.36 11.56 8.38
C CYS A 279 -10.37 12.84 9.20
N GLU A 280 -9.89 13.90 8.59
CA GLU A 280 -9.81 15.21 9.33
C GLU A 280 -11.16 15.69 9.94
N GLU A 281 -12.26 15.52 9.23
CA GLU A 281 -13.54 15.96 9.67
C GLU A 281 -14.05 15.08 10.81
N MET A 282 -13.40 13.93 11.02
CA MET A 282 -13.69 13.05 12.17
C MET A 282 -12.64 13.18 13.26
N GLU A 283 -11.84 14.26 13.18
CA GLU A 283 -10.78 14.59 14.13
C GLU A 283 -9.58 13.62 14.08
N GLY A 284 -9.39 12.97 12.92
CA GLY A 284 -8.01 12.52 12.59
C GLY A 284 -7.69 11.15 13.20
N TYR A 285 -6.36 10.88 13.33
CA TYR A 285 -5.92 9.52 13.65
C TYR A 285 -6.11 9.15 15.12
N GLY A 286 -6.21 10.13 16.01
CA GLY A 286 -6.51 9.75 17.40
C GLY A 286 -7.71 8.89 17.65
N PRO A 287 -8.91 9.31 17.18
CA PRO A 287 -10.09 8.49 17.38
C PRO A 287 -10.04 7.11 16.68
N LEU A 288 -9.41 7.05 15.50
CA LEU A 288 -9.18 5.72 14.86
C LEU A 288 -8.26 4.79 15.71
N LYS A 289 -7.10 5.29 16.13
CA LYS A 289 -6.22 4.50 16.96
C LYS A 289 -6.84 4.10 18.29
N ALA A 290 -7.79 4.91 18.75
CA ALA A 290 -8.49 4.59 20.01
C ALA A 290 -9.69 3.64 19.83
N HIS A 291 -9.93 3.12 18.63
CA HIS A 291 -11.07 2.24 18.41
C HIS A 291 -10.85 0.96 19.27
N PRO A 292 -11.94 0.38 19.82
CA PRO A 292 -11.83 -0.81 20.70
C PRO A 292 -11.13 -2.00 20.04
N PHE A 293 -11.29 -2.19 18.73
CA PHE A 293 -10.47 -3.23 18.01
C PHE A 293 -8.98 -3.14 18.36
N PHE A 294 -8.47 -1.95 18.59
CA PHE A 294 -7.03 -1.83 18.83
C PHE A 294 -6.64 -1.68 20.32
N GLU A 295 -7.58 -2.01 21.19
CA GLU A 295 -7.34 -1.81 22.67
C GLU A 295 -5.97 -2.26 23.21
N SER A 296 -5.56 -3.49 22.90
CA SER A 296 -4.21 -3.95 23.35
C SER A 296 -2.98 -3.46 22.53
N VAL A 297 -3.19 -2.64 21.52
CA VAL A 297 -2.06 -2.18 20.68
C VAL A 297 -1.26 -1.13 21.40
N THR A 298 0.06 -1.31 21.36
CA THR A 298 0.98 -0.26 21.69
C THR A 298 1.46 0.42 20.41
N TRP A 299 1.02 1.66 20.16
CA TRP A 299 1.23 2.31 18.86
C TRP A 299 2.65 2.89 18.65
N GLU A 300 3.35 3.20 19.76
CA GLU A 300 4.56 4.02 19.67
C GLU A 300 5.76 3.30 19.04
N ASN A 301 5.85 1.99 19.15
CA ASN A 301 7.05 1.29 18.68
C ASN A 301 6.69 -0.02 17.96
N LEU A 302 5.69 0.00 17.08
CA LEU A 302 5.26 -1.26 16.50
C LEU A 302 6.35 -1.95 15.72
N HIS A 303 7.17 -1.18 15.07
CA HIS A 303 8.20 -1.85 14.23
C HIS A 303 9.28 -2.57 15.05
N GLN A 304 9.30 -2.31 16.34
CA GLN A 304 10.21 -3.03 17.24
C GLN A 304 9.52 -4.18 17.96
N GLN A 305 8.23 -4.34 17.68
CA GLN A 305 7.53 -5.44 18.27
C GLN A 305 7.71 -6.67 17.40
N THR A 306 7.64 -7.85 17.99
CA THR A 306 7.76 -9.09 17.22
C THR A 306 6.42 -9.40 16.62
N PRO A 307 6.34 -9.49 15.25
CA PRO A 307 5.00 -9.74 14.76
C PRO A 307 4.50 -11.16 15.20
N PRO A 308 3.20 -11.32 15.36
CA PRO A 308 2.62 -12.63 15.63
C PRO A 308 2.77 -13.54 14.41
N LYS A 309 3.00 -14.83 14.69
CA LYS A 309 3.25 -15.77 13.61
C LYS A 309 1.93 -15.98 12.84
N LEU A 310 2.01 -16.00 11.52
CA LEU A 310 0.91 -16.37 10.60
C LEU A 310 1.12 -17.85 10.22
N THR A 311 0.24 -18.79 10.56
CA THR A 311 -1.18 -18.67 10.82
C THR A 311 -1.46 -18.85 12.34
C1 GOL B . 20.65 -2.86 1.50
O1 GOL B . 21.63 -2.81 2.56
C2 GOL B . 19.23 -2.97 1.97
O2 GOL B . 19.13 -3.65 3.17
C3 GOL B . 18.64 -4.08 1.19
O3 GOL B . 17.51 -3.62 0.56
C1 GOL C . 6.95 2.43 14.29
O1 GOL C . 7.38 1.45 15.26
C2 GOL C . 5.87 3.24 14.97
O2 GOL C . 4.82 2.51 15.58
C3 GOL C . 5.61 4.66 14.47
O3 GOL C . 4.77 4.57 13.41
C1 GOL D . -7.45 15.89 13.86
O1 GOL D . -8.04 16.38 12.67
C2 GOL D . -7.31 16.94 14.92
O2 GOL D . -8.25 18.00 14.81
C3 GOL D . -5.84 17.39 14.89
O3 GOL D . -5.87 18.51 15.73
S SO4 E . 23.49 -3.06 5.80
O1 SO4 E . 22.04 -3.11 5.86
O2 SO4 E . 24.12 -3.94 6.79
O3 SO4 E . 23.86 -3.59 4.48
O4 SO4 E . 23.91 -1.67 5.96
S SO4 F . 18.94 10.07 -12.33
O1 SO4 F . 18.30 11.33 -12.84
O2 SO4 F . 18.58 10.00 -10.92
O3 SO4 F . 18.29 9.00 -13.08
O4 SO4 F . 20.38 9.95 -12.26
S SO4 G . 18.85 1.96 5.89
O1 SO4 G . 17.51 2.54 5.76
O2 SO4 G . 19.18 1.83 7.31
O3 SO4 G . 18.92 0.60 5.34
O4 SO4 G . 19.80 2.86 5.20
S SO4 H . 15.54 -2.11 4.30
O1 SO4 H . 14.11 -2.04 4.55
O2 SO4 H . 16.37 -1.71 5.47
O3 SO4 H . 15.81 -3.50 3.98
O4 SO4 H . 15.83 -1.19 3.22
S SO4 I . 21.61 -6.79 2.49
O1 SO4 I . 20.93 -5.66 1.85
O2 SO4 I . 20.72 -7.43 3.46
O3 SO4 I . 21.78 -7.66 1.35
O4 SO4 I . 22.76 -6.19 3.26
S SO4 J . 8.54 16.36 3.92
O1 SO4 J . 7.09 16.59 3.86
O2 SO4 J . 9.10 17.56 4.54
O3 SO4 J . 8.87 15.18 4.75
O4 SO4 J . 9.22 16.06 2.62
C1 GOL K . 2.75 -1.31 -13.41
O1 GOL K . 3.46 -0.11 -13.72
C2 GOL K . 1.25 -1.26 -13.11
O2 GOL K . 0.87 -0.72 -11.87
C3 GOL K . 0.58 -2.60 -13.18
O3 GOL K . 0.86 -3.41 -12.07
C1 ABQ L . 4.37 -3.13 -10.69
C2 ABQ L . 4.56 -5.19 -9.41
C3 ABQ L . 5.60 -3.39 -11.26
C4 ABQ L . 5.80 -5.46 -10.01
C5 ABQ L . 7.27 -1.17 -6.74
C6 ABQ L . 5.16 -1.37 -7.58
C7 ABQ L . 7.70 -5.43 -5.85
C8 ABQ L . 10.67 -7.01 -3.01
C9 ABQ L . 9.34 -5.13 -4.32
C10 ABQ L . 8.42 -4.43 -5.20
C11 ABQ L . 3.85 -4.03 -9.75
C12 ABQ L . 6.28 -4.55 -10.92
C13 ABQ L . 7.12 -2.38 -6.13
C14 ABQ L . 9.14 -6.49 -4.48
C15 ABQ L . 4.99 -2.59 -6.94
C16 ABQ L . 10.35 -4.78 -3.41
C17 ABQ L . 8.22 -2.97 -5.32
C18 ABQ L . 1.64 -4.82 -8.91
C19 ABQ L . 1.43 -3.39 -7.07
C20 ABQ L . 2.54 -3.62 -9.16
C21 ABQ L . 2.67 -2.89 -7.80
C22 ABQ L . 6.94 -7.91 -7.21
C23 ABQ L . 6.61 -8.32 -4.73
C24 ABQ L . 7.62 -7.99 -5.82
N25 ABQ L . 6.27 -0.61 -7.50
N26 ABQ L . 9.76 -7.49 -3.83
N27 ABQ L . 10.99 -5.76 -2.74
N28 ABQ L . 5.99 -3.12 -6.20
N29 ABQ L . 8.13 -6.67 -5.43
N30 ABQ L . 10.73 -3.47 -3.12
N31 ABQ L . 3.80 -3.33 -6.97
O32 ABQ L . 8.83 -2.19 -4.56
O33 ABQ L . 0.76 -4.44 -7.82
F34 ABQ L . 7.45 -4.75 -11.55
#